data_1NHX
#
_entry.id   1NHX
#
_cell.length_a   45.383
_cell.length_b   61.452
_cell.length_c   62.265
_cell.angle_alpha   89.71
_cell.angle_beta   70.24
_cell.angle_gamma   72.56
#
_symmetry.space_group_name_H-M   'P 1'
#
loop_
_entity.id
_entity.type
_entity.pdbx_description
1 polymer 'PHOSPHOENOLPYRUVATE CARBOXYKINASE, CYTOSOLIC'
2 non-polymer 'MANGANESE (II) ION'
3 non-polymer 'SODIUM ION'
4 non-polymer PHOSPHOENOLPYRUVATE
5 non-polymer N-{4-[1-(2-FLUOROBENZYL)-3-BUTYL-2,6-DIOXO-2,3,6,7-TETRAHYDRO-1H-PURIN-8-YLMETHYL]-PHENYL}-ACETAMIDE
6 non-polymer 1,2-ETHANEDIOL
7 water water
#
_entity_poly.entity_id   1
_entity_poly.type   'polypeptide(L)'
_entity_poly.pdbx_seq_one_letter_code
;GELMPPQLQNGLNLSAKVVQGSLDSLPQAVREFLENNAELCQPDHIHICDGSEEENGRLLGQMEEEGILRRLKKYDNCWL
ALTDPRDVARIESKTVIVTQEQRDTVPIPKTGLSQLGRWMSEEDFEKAFNARFPGCMKGRTMYVIPFSMGPLGSPLSKIG
IELTDSPYVVASMRIMTRMGTPVLEALGDGEFVKCLHSVGCPLPLQKPLVNNWPCNPELTLIAHLPDRREIISFGSGYGG
NSLLGKKCFALRMASRLAKEEGWLAEHMLVLGITNPEGEKKYLAAAFPSACGKTNLAMMNPSLPGWKVECVGDDIAWMKF
DAQGHLRAINPENGFFGVAPGTSVKTNPNAIKTIQKNTIFTNVAETSDGGVYWEGIDEPLASGVTITSWKNKEWSSEDGE
PCAHPNSRFCTPASQCPIIDAAWESPEGVPIEGIIFGGRRPAGVPLVYEALSWQHGVFVGAAMRSEATAAAEHKGKIIMH
DPFAMRPFFGYNFGKYLAHWLSMAQHPAAKLPKIFHVNWFRKDKEGKFLWPGFGENSRVLEWMFNRIDGKASTKLTPIGY
IPKEDALNLKGLGHINMMELFSISKEFWDKEVEDIEKYLVDQVNADLPCEIEREILALKQRISQM
;
_entity_poly.pdbx_strand_id   A
#
# COMPACT_ATOMS: atom_id res chain seq x y z
N ASN A 13 2.52 3.54 -41.09
CA ASN A 13 1.34 2.69 -40.71
C ASN A 13 0.96 2.82 -39.22
N LEU A 14 1.94 2.57 -38.34
CA LEU A 14 1.71 2.79 -36.90
C LEU A 14 2.02 4.23 -36.51
N SER A 15 3.06 4.80 -37.11
CA SER A 15 3.42 6.21 -36.91
C SER A 15 2.27 7.16 -37.24
N ALA A 16 1.38 6.72 -38.13
CA ALA A 16 0.20 7.51 -38.50
C ALA A 16 -0.77 7.70 -37.33
N LYS A 17 -0.77 6.74 -36.40
CA LYS A 17 -1.64 6.79 -35.21
C LYS A 17 -1.09 7.67 -34.06
N VAL A 18 0.20 7.99 -34.12
CA VAL A 18 0.88 8.69 -33.02
C VAL A 18 0.52 10.18 -32.95
N VAL A 19 0.00 10.61 -31.80
CA VAL A 19 -0.44 11.99 -31.59
C VAL A 19 0.53 12.80 -30.72
N GLN A 20 1.42 12.10 -30.02
CA GLN A 20 2.50 12.74 -29.28
C GLN A 20 3.72 11.84 -29.19
N GLY A 21 4.90 12.45 -29.40
CA GLY A 21 6.15 11.72 -29.40
C GLY A 21 6.43 11.03 -30.73
N SER A 22 7.50 10.25 -30.75
CA SER A 22 7.93 9.56 -31.95
C SER A 22 8.35 8.14 -31.62
N LEU A 23 7.98 7.21 -32.50
CA LEU A 23 8.41 5.83 -32.36
C LEU A 23 9.93 5.67 -32.43
N ASP A 24 10.60 6.56 -33.17
CA ASP A 24 12.05 6.46 -33.42
C ASP A 24 12.89 6.90 -32.24
N SER A 25 12.30 7.69 -31.35
CA SER A 25 12.97 8.15 -30.14
C SER A 25 12.96 7.08 -29.04
N LEU A 26 11.92 6.23 -29.05
CA LEU A 26 11.78 5.15 -28.06
C LEU A 26 12.90 4.12 -28.21
N PRO A 27 13.42 3.63 -27.08
CA PRO A 27 14.31 2.47 -27.08
C PRO A 27 13.63 1.30 -27.76
N GLN A 28 14.40 0.54 -28.53
CA GLN A 28 13.89 -0.57 -29.33
C GLN A 28 12.89 -1.49 -28.62
N ALA A 29 13.29 -1.99 -27.44
CA ALA A 29 12.45 -2.93 -26.67
C ALA A 29 11.14 -2.30 -26.20
N VAL A 30 11.15 -0.98 -25.99
CA VAL A 30 9.95 -0.21 -25.64
C VAL A 30 9.04 -0.08 -26.87
N ARG A 31 9.63 0.28 -28.01
CA ARG A 31 8.94 0.28 -29.29
C ARG A 31 8.30 -1.07 -29.63
N GLU A 32 9.03 -2.17 -29.42
CA GLU A 32 8.49 -3.50 -29.72
C GLU A 32 7.34 -3.88 -28.78
N PHE A 33 7.47 -3.57 -27.49
CA PHE A 33 6.38 -3.78 -26.54
C PHE A 33 5.14 -2.99 -26.98
N LEU A 34 5.34 -1.73 -27.37
CA LEU A 34 4.27 -0.88 -27.87
C LEU A 34 3.61 -1.41 -29.15
N GLU A 35 4.43 -1.75 -30.14
CA GLU A 35 3.97 -2.24 -31.43
C GLU A 35 3.13 -3.50 -31.31
N ASN A 36 3.62 -4.46 -30.53
CA ASN A 36 2.94 -5.73 -30.30
C ASN A 36 1.55 -5.54 -29.70
N ASN A 37 1.44 -4.66 -28.71
CA ASN A 37 0.17 -4.45 -28.01
C ASN A 37 -0.80 -3.47 -28.70
N ALA A 38 -0.26 -2.54 -29.50
CA ALA A 38 -1.10 -1.68 -30.32
C ALA A 38 -1.81 -2.51 -31.40
N GLU A 39 -1.08 -3.46 -31.99
CA GLU A 39 -1.63 -4.40 -32.97
C GLU A 39 -2.72 -5.26 -32.34
N LEU A 40 -2.45 -5.75 -31.13
CA LEU A 40 -3.41 -6.56 -30.38
C LEU A 40 -4.65 -5.76 -29.97
N CYS A 41 -4.44 -4.62 -29.30
CA CYS A 41 -5.55 -3.88 -28.70
C CYS A 41 -6.30 -2.99 -29.69
N GLN A 42 -5.64 -2.65 -30.79
CA GLN A 42 -6.19 -1.79 -31.86
C GLN A 42 -6.70 -0.42 -31.39
N PRO A 43 -5.87 0.34 -30.67
CA PRO A 43 -6.25 1.70 -30.28
C PRO A 43 -6.30 2.61 -31.51
N ASP A 44 -7.13 3.64 -31.46
CA ASP A 44 -7.24 4.62 -32.54
C ASP A 44 -6.00 5.50 -32.63
N HIS A 45 -5.45 5.89 -31.47
CA HIS A 45 -4.23 6.68 -31.42
C HIS A 45 -3.24 6.23 -30.33
N ILE A 46 -1.97 6.60 -30.51
CA ILE A 46 -0.92 6.34 -29.52
C ILE A 46 -0.41 7.66 -28.98
N HIS A 47 -0.41 7.78 -27.66
CA HIS A 47 0.14 8.96 -27.01
C HIS A 47 1.30 8.55 -26.11
N ILE A 48 2.52 8.92 -26.51
CA ILE A 48 3.69 8.62 -25.70
C ILE A 48 3.86 9.74 -24.66
N CYS A 49 3.62 9.42 -23.40
CA CYS A 49 3.64 10.41 -22.32
C CYS A 49 5.02 10.96 -22.07
N ASP A 50 5.12 12.28 -21.94
CA ASP A 50 6.39 12.91 -21.61
C ASP A 50 6.49 13.40 -20.16
N GLY A 51 5.39 13.35 -19.42
CA GLY A 51 5.38 13.69 -18.00
C GLY A 51 5.45 15.17 -17.67
N SER A 52 5.35 16.02 -18.69
CA SER A 52 5.48 17.48 -18.51
C SER A 52 4.21 18.05 -17.87
N GLU A 53 4.32 19.24 -17.27
CA GLU A 53 3.16 19.94 -16.70
C GLU A 53 2.15 20.27 -17.81
N GLU A 54 2.67 20.73 -18.94
CA GLU A 54 1.84 21.08 -20.11
C GLU A 54 0.97 19.91 -20.56
N GLU A 55 1.55 18.72 -20.65
CA GLU A 55 0.81 17.49 -20.96
C GLU A 55 -0.26 17.17 -19.90
N ASN A 56 0.10 17.34 -18.63
CA ASN A 56 -0.84 17.05 -17.54
C ASN A 56 -2.06 17.96 -17.64
N GLY A 57 -1.81 19.27 -17.72
CA GLY A 57 -2.86 20.26 -17.88
C GLY A 57 -3.79 19.95 -19.05
N ARG A 58 -3.21 19.49 -20.16
CA ARG A 58 -3.98 19.12 -21.34
C ARG A 58 -4.88 17.90 -21.12
N LEU A 59 -4.39 16.89 -20.41
CA LEU A 59 -5.18 15.68 -20.18
C LEU A 59 -6.32 15.94 -19.18
N LEU A 60 -6.03 16.77 -18.18
CA LEU A 60 -7.04 17.19 -17.21
C LEU A 60 -8.16 17.91 -17.93
N GLY A 61 -7.78 18.91 -18.74
CA GLY A 61 -8.73 19.66 -19.55
C GLY A 61 -9.59 18.76 -20.41
N GLN A 62 -8.98 17.77 -21.06
CA GLN A 62 -9.69 16.77 -21.85
C GLN A 62 -10.63 15.90 -21.01
N MET A 63 -10.15 15.46 -19.85
CA MET A 63 -10.97 14.68 -18.92
C MET A 63 -12.13 15.52 -18.36
N GLU A 64 -11.91 16.82 -18.22
CA GLU A 64 -12.98 17.73 -17.78
C GLU A 64 -14.10 17.81 -18.84
N GLU A 65 -13.69 17.96 -20.11
CA GLU A 65 -14.61 17.97 -21.27
C GLU A 65 -15.50 16.73 -21.30
N GLU A 66 -14.87 15.57 -21.14
CA GLU A 66 -15.58 14.30 -21.28
C GLU A 66 -16.32 13.90 -20.00
N GLY A 67 -16.22 14.73 -18.97
CA GLY A 67 -16.93 14.50 -17.73
C GLY A 67 -16.28 13.44 -16.85
N ILE A 68 -15.04 13.09 -17.17
CA ILE A 68 -14.27 12.14 -16.36
C ILE A 68 -13.87 12.80 -15.03
N LEU A 69 -13.43 14.06 -15.10
CA LEU A 69 -13.09 14.80 -13.90
C LEU A 69 -13.91 16.08 -13.79
N ARG A 70 -14.12 16.50 -12.54
CA ARG A 70 -14.69 17.79 -12.24
C ARG A 70 -13.61 18.61 -11.53
N ARG A 71 -13.53 19.90 -11.84
CA ARG A 71 -12.62 20.80 -11.12
C ARG A 71 -13.13 21.06 -9.71
N LEU A 72 -12.23 21.06 -8.73
CA LEU A 72 -12.56 21.51 -7.39
C LEU A 72 -12.05 22.93 -7.19
N LYS A 73 -12.92 23.90 -7.45
CA LYS A 73 -12.52 25.32 -7.57
C LYS A 73 -12.08 25.96 -6.26
N LYS A 74 -12.32 25.29 -5.14
CA LYS A 74 -11.92 25.81 -3.82
C LYS A 74 -10.39 25.73 -3.65
N TYR A 75 -9.75 24.91 -4.49
CA TYR A 75 -8.33 24.61 -4.35
C TYR A 75 -7.53 24.93 -5.59
N ASP A 76 -6.20 24.90 -5.42
CA ASP A 76 -5.26 25.06 -6.52
C ASP A 76 -5.09 23.73 -7.23
N ASN A 77 -5.63 23.65 -8.46
CA ASN A 77 -5.41 22.50 -9.34
C ASN A 77 -5.77 21.13 -8.73
N CYS A 78 -6.94 21.09 -8.08
CA CYS A 78 -7.51 19.83 -7.57
C CYS A 78 -8.71 19.38 -8.39
N TRP A 79 -8.86 18.06 -8.49
CA TRP A 79 -9.85 17.44 -9.39
C TRP A 79 -10.55 16.24 -8.73
N LEU A 80 -11.77 15.95 -9.19
CA LEU A 80 -12.60 14.89 -8.62
C LEU A 80 -13.08 13.95 -9.72
N ALA A 81 -12.81 12.66 -9.54
CA ALA A 81 -13.34 11.61 -10.39
C ALA A 81 -14.38 10.82 -9.60
N LEU A 82 -15.52 10.54 -10.22
CA LEU A 82 -16.54 9.68 -9.64
C LEU A 82 -16.63 8.42 -10.48
N THR A 83 -16.63 7.26 -9.84
CA THR A 83 -16.57 6.00 -10.57
C THR A 83 -17.93 5.36 -10.72
N ASP A 84 -17.96 4.31 -11.51
CA ASP A 84 -19.03 3.33 -11.50
C ASP A 84 -19.00 2.64 -10.14
N PRO A 85 -20.15 2.61 -9.44
CA PRO A 85 -20.26 1.93 -8.15
C PRO A 85 -19.81 0.47 -8.17
N ARG A 86 -19.72 -0.13 -9.35
CA ARG A 86 -19.27 -1.52 -9.49
C ARG A 86 -17.74 -1.62 -9.47
N ASP A 87 -17.07 -0.48 -9.55
CA ASP A 87 -15.62 -0.45 -9.67
C ASP A 87 -15.04 0.54 -8.68
N VAL A 88 -14.92 0.14 -7.42
CA VAL A 88 -14.67 1.10 -6.35
C VAL A 88 -13.46 0.74 -5.50
N ALA A 89 -12.77 -0.35 -5.89
CA ALA A 89 -11.71 -0.93 -5.06
C ALA A 89 -10.86 -1.93 -5.81
N ARG A 90 -9.61 -2.08 -5.35
CA ARG A 90 -8.76 -3.22 -5.62
C ARG A 90 -9.58 -4.48 -5.30
N ILE A 91 -9.59 -5.43 -6.24
CA ILE A 91 -10.42 -6.62 -6.10
C ILE A 91 -9.57 -7.91 -6.12
N GLU A 92 -9.32 -8.44 -4.92
CA GLU A 92 -8.49 -9.63 -4.74
C GLU A 92 -9.08 -10.87 -5.46
N SER A 93 -10.40 -11.00 -5.45
CA SER A 93 -11.08 -12.17 -6.03
C SER A 93 -10.91 -12.26 -7.54
N LYS A 94 -10.42 -11.19 -8.15
CA LYS A 94 -10.15 -11.17 -9.60
C LYS A 94 -8.64 -11.05 -9.88
N THR A 95 -7.82 -11.30 -8.85
CA THR A 95 -6.37 -11.10 -8.90
C THR A 95 -5.60 -12.41 -8.82
N VAL A 96 -4.70 -12.63 -9.78
CA VAL A 96 -4.00 -13.91 -9.91
C VAL A 96 -2.51 -13.75 -10.21
N ILE A 97 -1.75 -14.76 -9.82
CA ILE A 97 -0.38 -14.88 -10.30
C ILE A 97 -0.27 -16.14 -11.16
N VAL A 98 0.43 -16.02 -12.28
CA VAL A 98 0.52 -17.09 -13.27
C VAL A 98 1.94 -17.64 -13.31
N THR A 99 2.09 -18.90 -12.94
CA THR A 99 3.37 -19.61 -13.02
C THR A 99 3.15 -21.04 -13.53
N GLN A 100 4.20 -21.63 -14.09
CA GLN A 100 4.23 -23.04 -14.49
C GLN A 100 3.80 -23.97 -13.35
N GLU A 101 4.39 -23.77 -12.16
CA GLU A 101 4.09 -24.59 -10.99
C GLU A 101 3.29 -23.79 -9.94
N GLN A 102 2.19 -24.36 -9.47
CA GLN A 102 1.34 -23.71 -8.45
C GLN A 102 2.12 -23.36 -7.18
N ARG A 103 2.96 -24.30 -6.75
CA ARG A 103 3.74 -24.20 -5.50
C ARG A 103 4.68 -23.00 -5.45
N ASP A 104 5.14 -22.53 -6.62
CA ASP A 104 6.00 -21.34 -6.71
C ASP A 104 5.25 -20.09 -6.30
N THR A 105 3.93 -20.10 -6.53
CA THR A 105 3.02 -18.98 -6.25
C THR A 105 2.35 -19.02 -4.86
N VAL A 106 1.82 -20.19 -4.49
CA VAL A 106 1.11 -20.40 -3.22
C VAL A 106 1.39 -21.77 -2.66
N PRO A 107 1.37 -21.91 -1.33
CA PRO A 107 1.38 -23.24 -0.71
C PRO A 107 0.09 -23.98 -1.00
N ILE A 108 0.17 -25.30 -1.07
CA ILE A 108 -1.02 -26.14 -1.13
C ILE A 108 -1.50 -26.30 0.31
N PRO A 109 -2.67 -25.76 0.62
CA PRO A 109 -3.15 -25.77 2.01
C PRO A 109 -3.59 -27.18 2.42
N LYS A 110 -3.66 -27.44 3.73
CA LYS A 110 -4.16 -28.72 4.23
C LYS A 110 -5.65 -28.93 3.90
N THR A 111 -6.45 -27.88 4.07
CA THR A 111 -7.88 -27.90 3.84
C THR A 111 -8.31 -26.61 3.16
N GLY A 112 -9.47 -26.61 2.53
CA GLY A 112 -10.03 -25.41 1.96
C GLY A 112 -9.21 -24.86 0.80
N LEU A 113 -9.45 -23.59 0.49
CA LEU A 113 -8.74 -22.90 -0.57
C LEU A 113 -7.70 -22.00 0.07
N SER A 114 -6.55 -21.87 -0.56
CA SER A 114 -5.52 -20.96 -0.05
C SER A 114 -6.08 -19.55 0.07
N GLN A 115 -5.76 -18.91 1.19
CA GLN A 115 -6.00 -17.48 1.36
C GLN A 115 -4.70 -16.68 1.22
N LEU A 116 -3.65 -17.33 0.71
CA LEU A 116 -2.31 -16.73 0.67
C LEU A 116 -1.96 -16.28 -0.74
N GLY A 117 -2.89 -16.56 -1.66
CA GLY A 117 -2.73 -16.14 -3.03
C GLY A 117 -3.69 -16.86 -3.96
N ARG A 118 -3.68 -16.46 -5.22
CA ARG A 118 -4.59 -17.06 -6.20
C ARG A 118 -3.82 -17.37 -7.47
N TRP A 119 -3.54 -18.65 -7.67
CA TRP A 119 -2.74 -19.10 -8.80
C TRP A 119 -3.61 -19.45 -10.00
N MET A 120 -3.14 -19.09 -11.18
CA MET A 120 -3.80 -19.43 -12.44
C MET A 120 -2.76 -20.05 -13.36
N SER A 121 -3.05 -21.24 -13.91
CA SER A 121 -2.12 -21.92 -14.82
C SER A 121 -1.82 -21.08 -16.06
N GLU A 122 -0.67 -21.31 -16.69
CA GLU A 122 -0.29 -20.56 -17.90
C GLU A 122 -1.32 -20.80 -19.03
N GLU A 123 -1.80 -22.04 -19.14
CA GLU A 123 -2.86 -22.41 -20.08
C GLU A 123 -4.15 -21.62 -19.86
N ASP A 124 -4.63 -21.59 -18.61
CA ASP A 124 -5.87 -20.87 -18.30
C ASP A 124 -5.73 -19.38 -18.57
N PHE A 125 -4.56 -18.82 -18.26
CA PHE A 125 -4.36 -17.40 -18.52
C PHE A 125 -4.37 -17.03 -20.01
N GLU A 126 -3.81 -17.88 -20.85
CA GLU A 126 -3.78 -17.58 -22.29
C GLU A 126 -5.21 -17.44 -22.81
N LYS A 127 -6.07 -18.38 -22.41
CA LYS A 127 -7.49 -18.37 -22.79
C LYS A 127 -8.18 -17.10 -22.29
N ALA A 128 -7.99 -16.79 -21.01
CA ALA A 128 -8.57 -15.59 -20.42
C ALA A 128 -8.09 -14.32 -21.10
N PHE A 129 -6.81 -14.28 -21.44
CA PHE A 129 -6.19 -13.15 -22.16
C PHE A 129 -6.81 -12.96 -23.56
N ASN A 130 -6.95 -14.06 -24.30
CA ASN A 130 -7.53 -14.04 -25.64
C ASN A 130 -9.02 -13.65 -25.67
N ALA A 131 -9.71 -13.90 -24.57
CA ALA A 131 -11.13 -13.57 -24.45
C ALA A 131 -11.35 -12.08 -24.14
N ARG A 132 -10.27 -11.34 -23.88
CA ARG A 132 -10.38 -9.96 -23.37
C ARG A 132 -9.69 -8.89 -24.23
N PHE A 133 -8.39 -9.03 -24.47
CA PHE A 133 -7.59 -7.96 -25.06
C PHE A 133 -7.68 -7.69 -26.58
N PRO A 134 -7.89 -8.70 -27.43
CA PRO A 134 -8.01 -8.43 -28.87
C PRO A 134 -9.08 -7.38 -29.14
N GLY A 135 -8.68 -6.27 -29.76
CA GLY A 135 -9.59 -5.18 -30.07
C GLY A 135 -10.13 -4.35 -28.89
N CYS A 136 -9.55 -4.50 -27.69
CA CYS A 136 -10.14 -3.90 -26.49
C CYS A 136 -10.04 -2.37 -26.43
N MET A 137 -9.10 -1.80 -27.17
CA MET A 137 -8.91 -0.35 -27.14
C MET A 137 -9.48 0.38 -28.36
N LYS A 138 -10.28 -0.31 -29.17
CA LYS A 138 -10.86 0.33 -30.35
C LYS A 138 -11.66 1.57 -29.96
N GLY A 139 -11.34 2.69 -30.60
CA GLY A 139 -12.02 3.95 -30.35
C GLY A 139 -11.34 4.80 -29.29
N ARG A 140 -10.23 4.32 -28.75
CA ARG A 140 -9.54 4.99 -27.65
C ARG A 140 -8.07 5.23 -27.95
N THR A 141 -7.47 6.10 -27.15
CA THR A 141 -6.05 6.38 -27.26
C THR A 141 -5.32 5.43 -26.31
N MET A 142 -4.29 4.78 -26.83
CA MET A 142 -3.35 4.06 -25.97
C MET A 142 -2.25 4.98 -25.47
N TYR A 143 -2.20 5.17 -24.15
CA TYR A 143 -1.17 6.00 -23.56
C TYR A 143 0.03 5.13 -23.17
N VAL A 144 1.22 5.66 -23.41
CA VAL A 144 2.46 4.98 -23.09
C VAL A 144 3.14 5.72 -21.94
N ILE A 145 3.05 5.14 -20.73
CA ILE A 145 3.60 5.71 -19.50
C ILE A 145 4.95 5.08 -19.12
N PRO A 146 6.05 5.80 -19.34
CA PRO A 146 7.35 5.33 -18.83
C PRO A 146 7.48 5.77 -17.38
N PHE A 147 7.63 4.83 -16.45
CA PHE A 147 7.65 5.23 -15.04
C PHE A 147 8.76 4.55 -14.25
N SER A 148 9.29 5.25 -13.25
CA SER A 148 10.30 4.71 -12.35
C SER A 148 9.72 4.52 -10.97
N MET A 149 9.94 3.33 -10.41
CA MET A 149 9.61 3.03 -9.02
C MET A 149 10.89 3.28 -8.22
N GLY A 150 10.88 4.33 -7.43
CA GLY A 150 12.08 4.77 -6.74
C GLY A 150 12.71 6.00 -7.42
N PRO A 151 13.63 6.66 -6.72
CA PRO A 151 14.28 7.87 -7.24
C PRO A 151 14.87 7.61 -8.61
N LEU A 152 14.64 8.53 -9.53
CA LEU A 152 15.14 8.42 -10.89
C LEU A 152 16.63 8.14 -10.91
N GLY A 153 17.00 6.95 -11.40
CA GLY A 153 18.39 6.59 -11.59
C GLY A 153 19.07 5.83 -10.47
N SER A 154 18.40 5.70 -9.32
CA SER A 154 18.96 5.05 -8.12
C SER A 154 19.30 3.56 -8.30
N PRO A 155 20.31 3.05 -7.58
CA PRO A 155 20.65 1.62 -7.58
C PRO A 155 19.46 0.67 -7.37
N LEU A 156 18.60 1.01 -6.41
CA LEU A 156 17.48 0.15 -6.03
C LEU A 156 16.18 0.41 -6.83
N SER A 157 16.20 1.38 -7.75
CA SER A 157 15.02 1.72 -8.57
C SER A 157 14.78 0.78 -9.73
N LYS A 158 13.51 0.59 -10.08
CA LYS A 158 13.16 -0.24 -11.24
C LYS A 158 12.17 0.50 -12.12
N ILE A 159 12.25 0.24 -13.42
CA ILE A 159 11.44 0.98 -14.39
C ILE A 159 10.41 0.07 -15.03
N GLY A 160 9.24 0.64 -15.32
CA GLY A 160 8.18 -0.07 -16.01
C GLY A 160 7.67 0.77 -17.16
N ILE A 161 6.97 0.14 -18.09
CA ILE A 161 6.22 0.85 -19.10
C ILE A 161 4.76 0.41 -18.93
N GLU A 162 3.86 1.35 -18.66
CA GLU A 162 2.43 1.01 -18.62
C GLU A 162 1.70 1.57 -19.83
N LEU A 163 1.14 0.67 -20.62
CA LEU A 163 0.24 1.02 -21.71
C LEU A 163 -1.17 0.98 -21.11
N THR A 164 -1.92 2.05 -21.31
CA THR A 164 -3.29 2.13 -20.79
C THR A 164 -4.18 2.89 -21.76
N ASP A 165 -5.47 2.57 -21.76
CA ASP A 165 -6.46 3.41 -22.43
C ASP A 165 -7.20 4.33 -21.44
N SER A 166 -6.60 4.58 -20.28
CA SER A 166 -7.25 5.43 -19.27
C SER A 166 -6.43 6.69 -18.92
N PRO A 167 -6.93 7.86 -19.31
CA PRO A 167 -6.29 9.13 -18.94
C PRO A 167 -6.24 9.38 -17.42
N TYR A 168 -7.22 8.86 -16.68
CA TYR A 168 -7.24 8.91 -15.22
C TYR A 168 -6.02 8.19 -14.66
N VAL A 169 -5.68 7.04 -15.25
CA VAL A 169 -4.50 6.27 -14.86
C VAL A 169 -3.23 7.06 -15.13
N VAL A 170 -3.15 7.66 -16.32
CA VAL A 170 -1.98 8.45 -16.66
C VAL A 170 -1.75 9.56 -15.64
N ALA A 171 -2.78 10.34 -15.37
CA ALA A 171 -2.67 11.47 -14.45
C ALA A 171 -2.35 11.00 -13.02
N SER A 172 -2.92 9.87 -12.63
CA SER A 172 -2.66 9.29 -11.31
C SER A 172 -1.24 8.74 -11.21
N MET A 173 -0.79 8.09 -12.30
CA MET A 173 0.59 7.57 -12.38
C MET A 173 1.63 8.69 -12.31
N ARG A 174 1.33 9.85 -12.90
CA ARG A 174 2.22 11.02 -12.80
C ARG A 174 2.55 11.41 -11.35
N ILE A 175 1.55 11.29 -10.49
CA ILE A 175 1.70 11.61 -9.07
C ILE A 175 2.36 10.46 -8.31
N MET A 176 1.88 9.25 -8.55
CA MET A 176 2.26 8.09 -7.75
C MET A 176 3.61 7.50 -8.15
N THR A 177 4.10 7.88 -9.33
CA THR A 177 5.40 7.46 -9.82
C THR A 177 6.16 8.66 -10.37
N ARG A 178 7.44 8.47 -10.69
CA ARG A 178 8.18 9.39 -11.56
C ARG A 178 7.91 8.95 -12.99
N MET A 179 7.35 9.84 -13.79
CA MET A 179 6.77 9.46 -15.08
C MET A 179 7.28 10.36 -16.20
N GLY A 180 7.60 9.78 -17.36
CA GLY A 180 7.79 10.54 -18.58
C GLY A 180 9.16 10.43 -19.22
N THR A 181 9.52 11.44 -20.01
CA THR A 181 10.76 11.43 -20.80
C THR A 181 12.05 11.17 -20.01
N PRO A 182 12.25 11.82 -18.85
CA PRO A 182 13.44 11.55 -18.02
C PRO A 182 13.56 10.05 -17.69
N VAL A 183 12.43 9.35 -17.56
CA VAL A 183 12.43 7.92 -17.31
C VAL A 183 12.93 7.12 -18.52
N LEU A 184 12.42 7.43 -19.71
CA LEU A 184 12.91 6.80 -20.94
C LEU A 184 14.41 6.99 -21.12
N GLU A 185 14.89 8.18 -20.78
CA GLU A 185 16.30 8.55 -20.91
C GLU A 185 17.17 7.76 -19.93
N ALA A 186 16.72 7.64 -18.69
CA ALA A 186 17.37 6.78 -17.71
C ALA A 186 17.31 5.29 -18.11
N LEU A 187 16.19 4.87 -18.72
CA LEU A 187 16.01 3.46 -19.08
C LEU A 187 16.99 2.99 -20.16
N GLY A 188 17.15 3.81 -21.19
CA GLY A 188 17.94 3.44 -22.36
C GLY A 188 17.51 2.08 -22.90
N ASP A 189 18.49 1.22 -23.15
CA ASP A 189 18.22 -0.14 -23.61
C ASP A 189 18.11 -1.17 -22.48
N GLY A 190 17.89 -0.71 -21.25
CA GLY A 190 17.76 -1.59 -20.10
C GLY A 190 16.45 -2.36 -20.03
N GLU A 191 16.35 -3.24 -19.05
CA GLU A 191 15.15 -4.04 -18.83
C GLU A 191 14.06 -3.20 -18.17
N PHE A 192 12.80 -3.56 -18.42
CA PHE A 192 11.68 -2.91 -17.77
C PHE A 192 10.55 -3.91 -17.53
N VAL A 193 9.67 -3.61 -16.58
CA VAL A 193 8.48 -4.44 -16.36
C VAL A 193 7.38 -3.99 -17.31
N LYS A 194 6.86 -4.95 -18.05
CA LYS A 194 5.83 -4.75 -19.04
C LYS A 194 4.49 -4.70 -18.33
N CYS A 195 3.81 -3.56 -18.45
CA CYS A 195 2.49 -3.35 -17.86
C CYS A 195 1.44 -2.99 -18.91
N LEU A 196 0.42 -3.82 -19.01
CA LEU A 196 -0.66 -3.66 -19.96
C LEU A 196 -1.98 -3.50 -19.21
N HIS A 197 -2.70 -2.40 -19.48
CA HIS A 197 -3.98 -2.17 -18.84
C HIS A 197 -5.03 -1.69 -19.82
N SER A 198 -6.26 -2.21 -19.70
CA SER A 198 -7.42 -1.70 -20.44
C SER A 198 -8.67 -1.70 -19.57
N VAL A 199 -9.47 -0.64 -19.67
CA VAL A 199 -10.78 -0.59 -19.00
C VAL A 199 -11.77 -1.59 -19.59
N GLY A 200 -11.44 -2.12 -20.77
CA GLY A 200 -12.21 -3.20 -21.38
C GLY A 200 -13.54 -2.79 -21.98
N CYS A 201 -13.62 -1.55 -22.45
CA CYS A 201 -14.84 -1.02 -23.07
C CYS A 201 -14.52 -0.37 -24.42
N PRO A 202 -14.26 -1.18 -25.45
CA PRO A 202 -13.96 -0.63 -26.78
C PRO A 202 -15.17 0.13 -27.32
N LEU A 203 -14.96 1.17 -28.12
CA LEU A 203 -16.05 1.88 -28.77
C LEU A 203 -16.32 1.21 -30.12
N PRO A 204 -17.57 1.14 -30.57
CA PRO A 204 -18.75 1.67 -29.84
C PRO A 204 -19.07 0.89 -28.56
N LEU A 205 -19.49 1.62 -27.53
CA LEU A 205 -19.83 1.00 -26.25
C LEU A 205 -20.99 0.03 -26.41
N GLN A 206 -20.80 -1.17 -25.88
CA GLN A 206 -21.82 -2.22 -25.92
C GLN A 206 -22.72 -2.16 -24.70
N LYS A 207 -22.28 -1.42 -23.67
CA LYS A 207 -23.01 -1.35 -22.40
C LYS A 207 -23.03 0.10 -21.88
N PRO A 208 -24.02 0.45 -21.06
CA PRO A 208 -24.14 1.80 -20.51
C PRO A 208 -22.86 2.26 -19.78
N LEU A 209 -22.65 3.56 -19.79
CA LEU A 209 -21.49 4.16 -19.16
C LEU A 209 -21.95 4.98 -17.95
N VAL A 210 -21.48 4.61 -16.77
CA VAL A 210 -21.90 5.24 -15.52
C VAL A 210 -20.87 6.27 -15.05
N ASN A 211 -21.35 7.48 -14.75
CA ASN A 211 -20.51 8.63 -14.42
C ASN A 211 -19.25 8.79 -15.30
N ASN A 212 -19.39 8.51 -16.60
CA ASN A 212 -18.30 8.62 -17.57
C ASN A 212 -17.04 7.80 -17.18
N TRP A 213 -17.27 6.73 -16.44
CA TRP A 213 -16.19 5.89 -15.92
C TRP A 213 -16.31 4.47 -16.49
N PRO A 214 -15.58 4.18 -17.56
CA PRO A 214 -15.63 2.85 -18.19
C PRO A 214 -15.00 1.76 -17.32
N CYS A 215 -15.65 0.59 -17.30
CA CYS A 215 -15.17 -0.58 -16.59
C CYS A 215 -15.90 -1.81 -17.11
N ASN A 216 -15.29 -2.98 -16.92
CA ASN A 216 -15.89 -4.25 -17.32
C ASN A 216 -15.81 -5.21 -16.16
N PRO A 217 -16.74 -5.09 -15.20
CA PRO A 217 -16.66 -5.86 -13.95
C PRO A 217 -16.67 -7.38 -14.17
N GLU A 218 -17.53 -7.86 -15.05
CA GLU A 218 -17.65 -9.30 -15.35
C GLU A 218 -16.34 -9.94 -15.84
N LEU A 219 -15.56 -9.18 -16.61
CA LEU A 219 -14.30 -9.68 -17.17
C LEU A 219 -13.06 -9.13 -16.46
N THR A 220 -13.25 -8.44 -15.33
CA THR A 220 -12.13 -7.89 -14.58
C THR A 220 -11.13 -8.97 -14.17
N LEU A 221 -9.86 -8.73 -14.50
CA LEU A 221 -8.79 -9.68 -14.20
C LEU A 221 -7.45 -8.95 -14.09
N ILE A 222 -6.77 -9.17 -12.97
CA ILE A 222 -5.46 -8.56 -12.73
C ILE A 222 -4.42 -9.67 -12.58
N ALA A 223 -3.58 -9.81 -13.59
CA ALA A 223 -2.67 -10.95 -13.65
C ALA A 223 -1.21 -10.53 -13.57
N HIS A 224 -0.38 -11.42 -13.01
CA HIS A 224 1.05 -11.23 -12.87
C HIS A 224 1.77 -12.43 -13.46
N LEU A 225 2.71 -12.16 -14.37
CA LEU A 225 3.49 -13.20 -15.02
C LEU A 225 4.99 -12.94 -14.73
N PRO A 226 5.46 -13.37 -13.56
CA PRO A 226 6.82 -13.03 -13.08
C PRO A 226 7.94 -13.44 -14.02
N ASP A 227 7.89 -14.66 -14.55
CA ASP A 227 8.90 -15.12 -15.50
C ASP A 227 8.96 -14.31 -16.79
N ARG A 228 7.85 -13.70 -17.18
CA ARG A 228 7.82 -12.85 -18.38
C ARG A 228 8.07 -11.37 -18.05
N ARG A 229 8.14 -11.06 -16.76
CA ARG A 229 8.19 -9.66 -16.29
C ARG A 229 6.99 -8.88 -16.85
N GLU A 230 5.80 -9.46 -16.71
CA GLU A 230 4.58 -8.86 -17.24
C GLU A 230 3.47 -8.72 -16.21
N ILE A 231 2.79 -7.57 -16.26
CA ILE A 231 1.61 -7.35 -15.47
C ILE A 231 0.49 -6.99 -16.44
N ILE A 232 -0.61 -7.73 -16.35
CA ILE A 232 -1.70 -7.58 -17.29
C ILE A 232 -3.01 -7.37 -16.54
N SER A 233 -3.66 -6.24 -16.81
CA SER A 233 -4.85 -5.85 -16.07
C SER A 233 -6.00 -5.41 -16.99
N PHE A 234 -7.16 -5.99 -16.76
CA PHE A 234 -8.32 -5.76 -17.61
C PHE A 234 -9.57 -5.47 -16.78
N GLY A 235 -10.32 -4.43 -17.18
CA GLY A 235 -11.68 -4.27 -16.72
C GLY A 235 -11.94 -3.32 -15.56
N SER A 236 -10.90 -2.92 -14.85
CA SER A 236 -11.05 -1.97 -13.75
C SER A 236 -10.15 -0.77 -13.97
N GLY A 237 -10.64 0.41 -13.63
CA GLY A 237 -9.82 1.60 -13.69
C GLY A 237 -9.32 2.04 -12.32
N TYR A 238 -9.69 1.30 -11.28
CA TYR A 238 -9.48 1.74 -9.90
C TYR A 238 -8.12 1.41 -9.33
N GLY A 239 -7.52 2.41 -8.68
CA GLY A 239 -6.32 2.29 -7.87
C GLY A 239 -5.43 1.06 -7.98
N GLY A 240 -5.58 0.13 -7.03
CA GLY A 240 -4.73 -1.05 -6.97
C GLY A 240 -4.80 -1.95 -8.19
N ASN A 241 -5.88 -1.83 -8.98
CA ASN A 241 -6.05 -2.66 -10.17
C ASN A 241 -5.39 -2.06 -11.42
N SER A 242 -5.24 -0.73 -11.44
CA SER A 242 -4.90 0.01 -12.67
C SER A 242 -3.57 0.77 -12.57
N LEU A 243 -3.25 1.23 -11.37
CA LEU A 243 -1.98 1.91 -11.16
C LEU A 243 -0.95 0.81 -10.90
N LEU A 244 -0.35 0.34 -11.98
CA LEU A 244 0.30 -0.97 -11.98
C LEU A 244 1.64 -1.02 -11.27
N GLY A 245 2.26 0.14 -11.09
CA GLY A 245 3.51 0.22 -10.37
C GLY A 245 3.39 -0.06 -8.88
N LYS A 246 2.23 0.23 -8.33
CA LYS A 246 2.01 0.23 -6.89
C LYS A 246 1.93 -1.20 -6.29
N LYS A 247 0.76 -1.83 -6.36
CA LYS A 247 0.62 -3.16 -5.74
C LYS A 247 1.18 -4.24 -6.64
N CYS A 248 0.77 -4.23 -7.92
CA CYS A 248 1.16 -5.27 -8.86
C CYS A 248 2.68 -5.36 -8.99
N PHE A 249 3.31 -4.21 -9.21
CA PHE A 249 4.75 -4.17 -9.45
C PHE A 249 5.52 -4.09 -8.13
N ALA A 250 5.34 -3.00 -7.37
CA ALA A 250 6.21 -2.73 -6.21
C ALA A 250 6.04 -3.68 -5.02
N LEU A 251 4.95 -4.46 -5.00
CA LEU A 251 4.78 -5.50 -4.00
C LEU A 251 4.86 -6.93 -4.55
N ARG A 252 3.95 -7.29 -5.46
CA ARG A 252 3.88 -8.69 -5.93
C ARG A 252 5.09 -9.10 -6.75
N MET A 253 5.30 -8.44 -7.88
CA MET A 253 6.44 -8.77 -8.74
C MET A 253 7.75 -8.53 -8.01
N ALA A 254 7.82 -7.43 -7.26
CA ALA A 254 9.05 -7.04 -6.57
C ALA A 254 9.41 -7.97 -5.42
N SER A 255 8.41 -8.47 -4.69
CA SER A 255 8.72 -9.37 -3.57
C SER A 255 9.40 -10.66 -4.05
N ARG A 256 9.00 -11.12 -5.23
CA ARG A 256 9.57 -12.27 -5.93
C ARG A 256 11.02 -12.00 -6.32
N LEU A 257 11.25 -10.88 -7.02
CA LEU A 257 12.60 -10.44 -7.35
C LEU A 257 13.44 -10.32 -6.09
N ALA A 258 12.87 -9.69 -5.05
CA ALA A 258 13.55 -9.49 -3.78
C ALA A 258 14.07 -10.80 -3.20
N LYS A 259 13.20 -11.82 -3.15
CA LYS A 259 13.60 -13.15 -2.65
C LYS A 259 14.74 -13.74 -3.48
N GLU A 260 14.69 -13.55 -4.80
CA GLU A 260 15.68 -14.11 -5.71
C GLU A 260 17.03 -13.38 -5.61
N GLU A 261 16.98 -12.08 -5.28
CA GLU A 261 18.18 -11.24 -5.23
C GLU A 261 18.60 -10.78 -3.83
N GLY A 262 18.03 -11.37 -2.79
CA GLY A 262 18.47 -11.13 -1.42
C GLY A 262 17.96 -9.89 -0.69
N TRP A 263 16.99 -9.18 -1.27
CA TRP A 263 16.40 -8.01 -0.59
C TRP A 263 14.93 -8.22 -0.17
N LEU A 264 14.24 -7.14 0.21
CA LEU A 264 12.84 -7.22 0.65
C LEU A 264 11.97 -6.15 0.01
N ALA A 265 10.80 -6.56 -0.44
CA ALA A 265 9.79 -5.63 -0.92
C ALA A 265 8.55 -5.82 -0.06
N GLU A 266 8.29 -4.82 0.77
CA GLU A 266 7.36 -4.97 1.90
C GLU A 266 6.25 -3.91 1.93
N HIS A 267 5.13 -4.27 2.56
CA HIS A 267 3.96 -3.39 2.69
C HIS A 267 4.11 -2.55 3.94
N MET A 268 5.05 -1.60 3.89
CA MET A 268 5.44 -0.84 5.07
C MET A 268 5.55 0.66 4.81
N LEU A 269 4.99 1.45 5.73
CA LEU A 269 5.28 2.88 5.80
C LEU A 269 6.72 3.01 6.28
N VAL A 270 7.34 4.16 6.01
CA VAL A 270 8.66 4.48 6.56
C VAL A 270 8.61 5.91 7.09
N LEU A 271 9.04 6.09 8.33
CA LEU A 271 9.12 7.41 8.94
C LEU A 271 10.46 7.57 9.67
N GLY A 272 10.87 8.83 9.83
CA GLY A 272 12.04 9.19 10.60
C GLY A 272 11.58 9.90 11.87
N ILE A 273 12.14 9.48 13.01
CA ILE A 273 11.81 10.08 14.29
C ILE A 273 13.06 10.58 15.02
N THR A 274 12.98 11.82 15.49
CA THR A 274 14.09 12.49 16.17
C THR A 274 13.68 12.78 17.62
N ASN A 275 14.57 12.46 18.56
CA ASN A 275 14.31 12.74 19.98
C ASN A 275 14.71 14.20 20.31
N PRO A 276 14.42 14.70 21.51
CA PRO A 276 14.80 16.08 21.84
C PRO A 276 16.31 16.34 21.88
N GLU A 277 17.15 15.31 21.74
CA GLU A 277 18.61 15.50 21.73
C GLU A 277 19.17 15.47 20.32
N GLY A 278 18.29 15.41 19.32
CA GLY A 278 18.73 15.39 17.92
C GLY A 278 19.10 14.03 17.36
N GLU A 279 18.90 12.97 18.14
CA GLU A 279 19.15 11.62 17.64
C GLU A 279 17.96 11.13 16.80
N LYS A 280 18.25 10.66 15.58
CA LYS A 280 17.23 10.30 14.58
C LYS A 280 17.31 8.82 14.18
N LYS A 281 16.16 8.14 14.17
CA LYS A 281 16.06 6.76 13.71
C LYS A 281 14.98 6.63 12.63
N TYR A 282 15.18 5.71 11.70
CA TYR A 282 14.12 5.38 10.75
C TYR A 282 13.41 4.10 11.16
N LEU A 283 12.08 4.11 11.08
CA LEU A 283 11.25 2.96 11.42
C LEU A 283 10.33 2.60 10.25
N ALA A 284 10.12 1.30 10.07
CA ALA A 284 9.17 0.80 9.08
C ALA A 284 7.98 0.16 9.80
N ALA A 285 6.77 0.33 9.29
CA ALA A 285 5.59 -0.32 9.90
C ALA A 285 4.60 -0.92 8.92
N ALA A 286 4.20 -2.17 9.20
CA ALA A 286 3.22 -2.89 8.39
C ALA A 286 1.90 -3.10 9.14
N PHE A 287 0.84 -2.51 8.62
CA PHE A 287 -0.48 -2.66 9.21
C PHE A 287 -1.47 -3.12 8.16
N PRO A 288 -2.42 -3.95 8.57
CA PRO A 288 -3.55 -4.26 7.71
C PRO A 288 -4.46 -3.03 7.60
N SER A 289 -5.55 -3.17 6.86
CA SER A 289 -6.50 -2.09 6.63
C SER A 289 -7.15 -1.60 7.94
N ALA A 290 -7.67 -0.37 7.92
CA ALA A 290 -8.42 0.21 9.04
C ALA A 290 -7.61 0.39 10.34
N CYS A 291 -6.31 0.59 10.19
CA CYS A 291 -5.43 0.82 11.33
C CYS A 291 -4.85 2.24 11.37
N GLY A 292 -5.15 3.07 10.38
CA GLY A 292 -4.61 4.42 10.35
C GLY A 292 -3.15 4.51 9.93
N LYS A 293 -2.73 3.59 9.07
CA LYS A 293 -1.35 3.54 8.57
C LYS A 293 -0.80 4.88 8.06
N THR A 294 -1.52 5.53 7.14
CA THR A 294 -1.09 6.82 6.59
C THR A 294 -0.97 7.85 7.71
N ASN A 295 -1.87 7.76 8.68
CA ASN A 295 -1.91 8.70 9.80
C ASN A 295 -0.62 8.63 10.61
N LEU A 296 -0.17 7.41 10.88
CA LEU A 296 1.08 7.20 11.61
C LEU A 296 2.30 7.64 10.80
N ALA A 297 2.28 7.35 9.50
CA ALA A 297 3.36 7.74 8.57
C ALA A 297 3.69 9.23 8.60
N MET A 298 2.68 10.06 8.79
CA MET A 298 2.90 11.51 8.90
C MET A 298 2.36 12.05 10.22
N MET A 299 2.52 11.27 11.29
CA MET A 299 2.06 11.65 12.62
C MET A 299 2.67 12.99 13.06
N ASN A 300 1.81 13.87 13.57
CA ASN A 300 2.26 15.03 14.34
C ASN A 300 2.36 14.57 15.81
N PRO A 301 3.57 14.41 16.34
CA PRO A 301 3.74 13.81 17.66
C PRO A 301 3.31 14.77 18.77
N SER A 302 2.68 14.26 19.82
CA SER A 302 2.25 15.10 20.95
C SER A 302 3.40 15.47 21.89
N LEU A 303 4.40 14.60 22.01
CA LEU A 303 5.50 14.83 22.95
C LEU A 303 6.39 16.01 22.56
N PRO A 304 6.69 16.89 23.53
CA PRO A 304 7.55 18.06 23.29
C PRO A 304 8.97 17.64 22.92
N GLY A 305 9.56 18.32 21.94
CA GLY A 305 10.93 18.04 21.54
C GLY A 305 11.09 16.99 20.46
N TRP A 306 10.05 16.21 20.22
CA TRP A 306 10.11 15.13 19.24
C TRP A 306 9.70 15.60 17.85
N LYS A 307 10.31 14.99 16.84
CA LYS A 307 10.03 15.29 15.44
C LYS A 307 9.69 14.00 14.72
N VAL A 308 8.65 14.03 13.90
CA VAL A 308 8.36 12.90 13.00
C VAL A 308 8.35 13.38 11.55
N GLU A 309 9.03 12.62 10.70
CA GLU A 309 9.12 12.94 9.29
C GLU A 309 8.74 11.72 8.44
N CYS A 310 8.16 11.99 7.28
CA CYS A 310 7.60 10.95 6.43
C CYS A 310 8.53 10.61 5.27
N VAL A 311 8.85 9.31 5.15
CA VAL A 311 9.56 8.81 3.96
C VAL A 311 8.56 8.22 2.95
N GLY A 312 7.61 7.42 3.46
CA GLY A 312 6.53 6.83 2.66
C GLY A 312 5.37 6.33 3.51
N ASP A 313 4.19 6.17 2.89
CA ASP A 313 3.00 5.71 3.61
C ASP A 313 2.47 4.32 3.23
N ASP A 314 3.16 3.62 2.32
CA ASP A 314 2.61 2.34 1.84
C ASP A 314 3.63 1.23 1.61
N ILE A 315 4.65 1.51 0.79
CA ILE A 315 5.59 0.48 0.35
C ILE A 315 7.05 0.84 0.66
N ALA A 316 7.81 -0.16 1.08
CA ALA A 316 9.26 -0.02 1.32
C ALA A 316 10.05 -1.12 0.62
N TRP A 317 11.09 -0.73 -0.10
CA TRP A 317 12.07 -1.67 -0.65
C TRP A 317 13.36 -1.61 0.16
N MET A 318 13.75 -2.74 0.73
CA MET A 318 14.85 -2.76 1.70
C MET A 318 15.96 -3.70 1.28
N LYS A 319 17.21 -3.24 1.42
CA LYS A 319 18.40 -4.04 1.09
C LYS A 319 19.55 -3.74 2.05
N PHE A 320 20.28 -4.80 2.42
CA PHE A 320 21.46 -4.67 3.25
C PHE A 320 22.55 -3.85 2.55
N ASP A 321 23.13 -2.88 3.27
CA ASP A 321 24.30 -2.17 2.76
C ASP A 321 25.55 -2.95 3.13
N ALA A 322 26.72 -2.40 2.81
CA ALA A 322 28.02 -3.06 3.08
C ALA A 322 28.29 -3.31 4.56
N GLN A 323 27.67 -2.52 5.45
CA GLN A 323 27.85 -2.72 6.89
C GLN A 323 26.70 -3.50 7.51
N GLY A 324 25.83 -4.08 6.68
CA GLY A 324 24.75 -4.93 7.13
C GLY A 324 23.52 -4.23 7.65
N HIS A 325 23.36 -2.94 7.34
CA HIS A 325 22.17 -2.21 7.74
C HIS A 325 21.13 -2.34 6.64
N LEU A 326 19.86 -2.50 7.04
CA LEU A 326 18.75 -2.55 6.11
C LEU A 326 18.41 -1.14 5.64
N ARG A 327 18.67 -0.86 4.37
CA ARG A 327 18.36 0.44 3.76
C ARG A 327 17.02 0.41 3.01
N ALA A 328 16.11 1.31 3.36
CA ALA A 328 14.82 1.38 2.70
C ALA A 328 14.74 2.51 1.69
N ILE A 329 14.11 2.25 0.55
CA ILE A 329 13.59 3.35 -0.26
C ILE A 329 12.07 3.23 -0.39
N ASN A 330 11.42 4.37 -0.54
CA ASN A 330 10.02 4.41 -0.92
C ASN A 330 9.97 4.44 -2.45
N PRO A 331 9.44 3.38 -3.06
CA PRO A 331 9.40 3.28 -4.52
C PRO A 331 8.32 4.19 -5.13
N GLU A 332 7.41 4.71 -4.31
CA GLU A 332 6.35 5.60 -4.81
C GLU A 332 6.79 7.06 -4.81
N ASN A 333 5.98 7.90 -5.46
CA ASN A 333 6.25 9.33 -5.63
C ASN A 333 5.13 10.17 -4.99
N GLY A 334 4.16 9.48 -4.38
CA GLY A 334 3.01 10.13 -3.78
C GLY A 334 2.30 9.24 -2.77
N PHE A 335 1.18 9.74 -2.25
CA PHE A 335 0.35 8.96 -1.34
C PHE A 335 -1.01 8.74 -1.95
N PHE A 336 -1.45 7.48 -1.93
CA PHE A 336 -2.77 7.09 -2.40
C PHE A 336 -3.57 6.74 -1.17
N GLY A 337 -4.08 7.78 -0.50
CA GLY A 337 -4.59 7.64 0.85
C GLY A 337 -6.09 7.56 0.89
N VAL A 338 -6.60 6.76 1.83
CA VAL A 338 -8.03 6.69 2.13
C VAL A 338 -8.47 8.05 2.68
N ALA A 339 -9.48 8.66 2.07
CA ALA A 339 -9.96 9.99 2.48
C ALA A 339 -10.81 10.03 3.76
N PRO A 340 -11.89 9.23 3.87
CA PRO A 340 -12.77 9.31 5.04
C PRO A 340 -11.97 9.12 6.34
N GLY A 341 -12.31 9.87 7.38
CA GLY A 341 -11.52 9.88 8.61
C GLY A 341 -10.31 10.81 8.61
N THR A 342 -10.05 11.47 7.48
CA THR A 342 -8.95 12.44 7.39
C THR A 342 -9.41 13.84 7.79
N SER A 343 -8.83 14.38 8.85
CA SER A 343 -9.17 15.71 9.33
C SER A 343 -7.92 16.41 9.88
N VAL A 344 -8.06 17.69 10.23
CA VAL A 344 -6.96 18.41 10.90
C VAL A 344 -6.53 17.73 12.21
N LYS A 345 -7.49 17.13 12.92
CA LYS A 345 -7.17 16.38 14.14
C LYS A 345 -6.47 15.05 13.92
N THR A 346 -6.98 14.22 13.00
CA THR A 346 -6.43 12.88 12.77
C THR A 346 -5.16 12.87 11.91
N ASN A 347 -5.02 13.86 11.02
CA ASN A 347 -3.85 13.95 10.15
C ASN A 347 -3.66 15.36 9.62
N PRO A 348 -3.14 16.26 10.45
CA PRO A 348 -2.96 17.66 10.03
C PRO A 348 -2.02 17.76 8.81
N ASN A 349 -1.04 16.88 8.71
CA ASN A 349 -0.10 16.93 7.58
C ASN A 349 -0.69 16.42 6.27
N ALA A 350 -1.52 15.39 6.33
CA ALA A 350 -2.24 14.98 5.12
C ALA A 350 -3.15 16.10 4.60
N ILE A 351 -3.82 16.82 5.50
CA ILE A 351 -4.68 17.93 5.09
C ILE A 351 -3.93 19.03 4.35
N LYS A 352 -2.74 19.39 4.85
CA LYS A 352 -1.91 20.39 4.18
C LYS A 352 -1.39 19.88 2.81
N THR A 353 -1.01 18.61 2.76
CA THR A 353 -0.52 18.00 1.52
C THR A 353 -1.50 18.14 0.34
N ILE A 354 -2.77 17.85 0.63
CA ILE A 354 -3.82 17.74 -0.40
C ILE A 354 -4.51 19.05 -0.78
N GLN A 355 -3.98 20.17 -0.30
CA GLN A 355 -4.57 21.47 -0.61
C GLN A 355 -4.38 21.85 -2.06
N LYS A 356 -3.40 21.23 -2.73
CA LYS A 356 -3.13 21.55 -4.12
C LYS A 356 -2.66 20.33 -4.92
N ASN A 357 -2.87 20.41 -6.24
CA ASN A 357 -2.32 19.45 -7.20
C ASN A 357 -2.70 17.99 -6.89
N THR A 358 -3.94 17.79 -6.47
CA THR A 358 -4.40 16.48 -5.97
C THR A 358 -5.65 15.98 -6.69
N ILE A 359 -5.68 14.69 -7.00
CA ILE A 359 -6.87 14.03 -7.55
C ILE A 359 -7.56 13.23 -6.46
N PHE A 360 -8.84 13.54 -6.26
CA PHE A 360 -9.70 12.84 -5.33
C PHE A 360 -10.62 11.93 -6.12
N THR A 361 -10.95 10.78 -5.57
CA THR A 361 -11.84 9.84 -6.25
C THR A 361 -12.92 9.41 -5.28
N ASN A 362 -14.17 9.62 -5.67
CA ASN A 362 -15.35 9.14 -4.93
C ASN A 362 -15.61 9.79 -3.59
N VAL A 363 -15.06 10.96 -3.39
CA VAL A 363 -15.41 11.78 -2.22
C VAL A 363 -16.62 12.66 -2.56
N ALA A 364 -17.13 13.37 -1.57
CA ALA A 364 -18.24 14.29 -1.78
C ALA A 364 -17.72 15.67 -2.15
N GLU A 365 -18.60 16.47 -2.75
CA GLU A 365 -18.26 17.81 -3.19
C GLU A 365 -19.21 18.86 -2.55
N THR A 366 -18.64 19.86 -1.89
CA THR A 366 -19.43 20.97 -1.33
C THR A 366 -19.83 21.93 -2.45
N SER A 367 -20.86 22.74 -2.19
CA SER A 367 -21.36 23.68 -3.20
C SER A 367 -20.34 24.76 -3.62
N ASP A 368 -19.35 25.05 -2.78
CA ASP A 368 -18.27 25.96 -3.18
C ASP A 368 -17.03 25.27 -3.76
N GLY A 369 -17.22 24.06 -4.27
CA GLY A 369 -16.16 23.34 -4.95
C GLY A 369 -15.07 22.78 -4.06
N GLY A 370 -15.43 22.45 -2.82
CA GLY A 370 -14.51 21.79 -1.90
C GLY A 370 -14.81 20.32 -1.78
N VAL A 371 -14.00 19.60 -1.00
CA VAL A 371 -14.24 18.17 -0.80
C VAL A 371 -14.89 17.92 0.55
N TYR A 372 -15.48 16.73 0.68
CA TYR A 372 -16.12 16.33 1.92
C TYR A 372 -16.12 14.82 2.06
N TRP A 373 -16.08 14.36 3.30
CA TRP A 373 -16.14 12.93 3.61
C TRP A 373 -16.46 12.76 5.08
N GLU A 374 -16.95 11.57 5.44
CA GLU A 374 -17.17 11.23 6.83
C GLU A 374 -15.88 11.47 7.62
N GLY A 375 -16.02 12.12 8.78
CA GLY A 375 -14.91 12.37 9.66
C GLY A 375 -13.98 13.51 9.25
N ILE A 376 -14.35 14.28 8.22
CA ILE A 376 -13.57 15.46 7.86
C ILE A 376 -13.59 16.52 8.99
N ASP A 377 -14.61 16.45 9.85
CA ASP A 377 -14.64 17.28 11.08
C ASP A 377 -14.52 18.78 10.73
N GLU A 378 -15.31 19.21 9.74
CA GLU A 378 -15.27 20.58 9.25
C GLU A 378 -16.69 21.07 9.06
N PRO A 379 -17.20 21.85 10.02
CA PRO A 379 -18.56 22.41 9.94
C PRO A 379 -18.75 23.18 8.63
N LEU A 380 -19.85 22.95 7.92
CA LEU A 380 -20.16 23.69 6.69
C LEU A 380 -20.54 25.12 7.03
N ALA A 381 -20.12 26.05 6.19
CA ALA A 381 -20.55 27.44 6.28
C ALA A 381 -22.01 27.54 5.91
N SER A 382 -22.66 28.63 6.34
CA SER A 382 -24.09 28.85 6.09
C SER A 382 -24.43 28.73 4.61
N GLY A 383 -25.42 27.89 4.31
CA GLY A 383 -25.90 27.73 2.94
C GLY A 383 -25.09 26.85 2.02
N VAL A 384 -23.97 26.30 2.51
CA VAL A 384 -23.17 25.36 1.73
C VAL A 384 -23.84 23.99 1.80
N THR A 385 -24.00 23.35 0.65
CA THR A 385 -24.60 22.01 0.57
C THR A 385 -23.61 20.97 0.01
N ILE A 386 -23.95 19.69 0.19
CA ILE A 386 -23.08 18.58 -0.18
C ILE A 386 -23.68 17.74 -1.30
N THR A 387 -22.93 17.55 -2.37
CA THR A 387 -23.23 16.52 -3.36
C THR A 387 -22.41 15.28 -3.01
N SER A 388 -23.08 14.14 -2.86
CA SER A 388 -22.41 12.88 -2.57
C SER A 388 -21.65 12.31 -3.78
N TRP A 389 -20.89 11.24 -3.55
CA TRP A 389 -20.10 10.61 -4.59
C TRP A 389 -20.96 9.88 -5.63
N LYS A 390 -22.25 9.74 -5.36
CA LYS A 390 -23.20 9.22 -6.35
C LYS A 390 -23.92 10.33 -7.12
N ASN A 391 -23.37 11.53 -7.08
CA ASN A 391 -23.95 12.70 -7.74
C ASN A 391 -25.38 13.03 -7.28
N LYS A 392 -25.62 12.89 -5.97
CA LYS A 392 -26.92 13.14 -5.38
C LYS A 392 -26.81 14.17 -4.26
N GLU A 393 -27.83 15.00 -4.12
CA GLU A 393 -27.95 15.88 -2.97
C GLU A 393 -27.88 15.03 -1.68
N TRP A 394 -27.08 15.46 -0.72
CA TRP A 394 -26.79 14.63 0.44
C TRP A 394 -27.08 15.34 1.75
N SER A 395 -27.63 14.59 2.70
CA SER A 395 -27.85 15.06 4.06
C SER A 395 -27.52 13.93 5.02
N SER A 396 -27.27 14.26 6.29
CA SER A 396 -26.89 13.26 7.29
C SER A 396 -27.99 12.27 7.64
N GLU A 397 -29.23 12.59 7.26
CA GLU A 397 -30.37 11.72 7.57
C GLU A 397 -30.58 10.65 6.50
N ASP A 398 -29.79 10.71 5.43
CA ASP A 398 -29.95 9.81 4.27
C ASP A 398 -29.64 8.35 4.57
N GLY A 399 -28.84 8.09 5.60
CA GLY A 399 -28.49 6.74 5.99
C GLY A 399 -27.44 6.05 5.12
N GLU A 400 -26.68 6.84 4.35
CA GLU A 400 -25.54 6.37 3.59
C GLU A 400 -24.45 7.45 3.59
N PRO A 401 -23.18 7.06 3.53
CA PRO A 401 -22.08 8.03 3.57
C PRO A 401 -22.06 8.97 2.35
N CYS A 402 -21.59 10.20 2.54
CA CYS A 402 -21.44 11.14 1.43
C CYS A 402 -20.26 10.76 0.53
N ALA A 403 -19.29 10.05 1.11
CA ALA A 403 -18.15 9.54 0.36
C ALA A 403 -18.06 8.02 0.46
N HIS A 404 -17.61 7.37 -0.61
CA HIS A 404 -17.42 5.92 -0.56
C HIS A 404 -16.37 5.62 0.51
N PRO A 405 -16.54 4.54 1.28
CA PRO A 405 -15.55 4.17 2.33
C PRO A 405 -14.13 4.01 1.79
N ASN A 406 -13.99 3.60 0.52
CA ASN A 406 -12.68 3.42 -0.10
C ASN A 406 -12.23 4.60 -0.97
N SER A 407 -12.92 5.73 -0.86
CA SER A 407 -12.56 6.92 -1.62
C SER A 407 -11.16 7.43 -1.25
N ARG A 408 -10.55 8.18 -2.17
CA ARG A 408 -9.11 8.42 -2.13
C ARG A 408 -8.71 9.84 -2.43
N PHE A 409 -7.59 10.25 -1.84
CA PHE A 409 -6.82 11.33 -2.41
C PHE A 409 -5.56 10.77 -3.03
N CYS A 410 -5.12 11.37 -4.12
CA CYS A 410 -3.92 10.93 -4.79
C CYS A 410 -3.03 12.15 -4.92
N THR A 411 -1.95 12.19 -4.17
CA THR A 411 -1.28 13.46 -3.88
C THR A 411 0.25 13.33 -3.90
N PRO A 412 0.94 14.34 -4.44
CA PRO A 412 2.40 14.34 -4.49
C PRO A 412 3.04 14.27 -3.11
N ALA A 413 4.04 13.39 -2.96
CA ALA A 413 4.72 13.25 -1.68
C ALA A 413 5.55 14.49 -1.33
N SER A 414 6.12 15.13 -2.37
CA SER A 414 6.91 16.36 -2.21
C SER A 414 6.16 17.49 -1.50
N GLN A 415 4.83 17.40 -1.51
CA GLN A 415 3.96 18.39 -0.91
C GLN A 415 3.70 18.18 0.59
N CYS A 416 4.08 17.01 1.13
CA CYS A 416 3.94 16.77 2.57
C CYS A 416 4.86 17.69 3.36
N PRO A 417 4.29 18.55 4.22
CA PRO A 417 5.08 19.51 5.02
C PRO A 417 6.20 18.87 5.82
N ILE A 418 6.03 17.62 6.22
CA ILE A 418 7.07 16.89 6.97
C ILE A 418 7.72 15.77 6.16
N ILE A 419 7.70 15.90 4.83
CA ILE A 419 8.41 14.95 3.98
C ILE A 419 9.89 14.94 4.38
N ASP A 420 10.41 13.74 4.62
CA ASP A 420 11.77 13.60 5.12
C ASP A 420 12.79 14.10 4.09
N ALA A 421 13.89 14.69 4.56
CA ALA A 421 14.95 15.20 3.68
C ALA A 421 15.60 14.08 2.88
N ALA A 422 15.58 12.87 3.44
CA ALA A 422 16.17 11.73 2.72
C ALA A 422 15.13 10.86 1.98
N TRP A 423 13.94 11.38 1.75
CA TRP A 423 12.86 10.56 1.16
C TRP A 423 13.14 10.11 -0.30
N GLU A 424 14.05 10.82 -0.97
CA GLU A 424 14.45 10.47 -2.35
C GLU A 424 15.93 10.19 -2.48
N SER A 425 16.63 10.01 -1.36
CA SER A 425 18.05 9.69 -1.46
C SER A 425 18.20 8.29 -2.06
N PRO A 426 19.06 8.17 -3.07
CA PRO A 426 19.23 6.91 -3.81
C PRO A 426 19.81 5.80 -2.93
N GLU A 427 20.51 6.17 -1.86
CA GLU A 427 21.12 5.21 -0.95
C GLU A 427 20.14 4.65 0.12
N GLY A 428 18.95 5.24 0.21
CA GLY A 428 17.95 4.78 1.15
C GLY A 428 18.22 5.17 2.58
N VAL A 429 17.29 4.83 3.48
CA VAL A 429 17.38 5.20 4.88
C VAL A 429 17.48 3.95 5.75
N PRO A 430 18.37 3.97 6.76
CA PRO A 430 18.65 2.75 7.54
C PRO A 430 17.59 2.43 8.59
N ILE A 431 17.00 1.25 8.46
CA ILE A 431 15.86 0.87 9.29
C ILE A 431 16.36 0.25 10.59
N GLU A 432 15.96 0.83 11.70
CA GLU A 432 16.39 0.34 12.99
C GLU A 432 15.28 -0.41 13.73
N GLY A 433 14.04 -0.26 13.27
CA GLY A 433 12.89 -0.94 13.87
C GLY A 433 11.80 -1.26 12.87
N ILE A 434 11.24 -2.47 12.99
CA ILE A 434 10.07 -2.86 12.22
C ILE A 434 8.88 -3.07 13.15
N ILE A 435 7.77 -2.42 12.81
CA ILE A 435 6.56 -2.43 13.62
C ILE A 435 5.46 -3.18 12.88
N PHE A 436 4.98 -4.27 13.48
CA PHE A 436 3.78 -4.95 13.02
C PHE A 436 2.61 -4.48 13.89
N GLY A 437 1.41 -4.51 13.35
CA GLY A 437 0.27 -3.99 14.10
C GLY A 437 -1.04 -4.57 13.63
N GLY A 438 -2.06 -4.47 14.47
CA GLY A 438 -3.40 -4.87 14.12
C GLY A 438 -4.44 -4.12 14.92
N ARG A 439 -5.70 -4.37 14.58
CA ARG A 439 -6.81 -3.80 15.32
C ARG A 439 -7.38 -4.95 16.14
N ARG A 440 -7.14 -4.92 17.44
CA ARG A 440 -7.59 -6.02 18.31
C ARG A 440 -8.35 -5.46 19.51
N PRO A 441 -9.67 -5.62 19.51
CA PRO A 441 -10.50 -5.08 20.61
C PRO A 441 -10.16 -5.71 21.97
N ALA A 442 -9.74 -6.97 21.97
CA ALA A 442 -9.43 -7.70 23.19
C ALA A 442 -8.04 -8.32 23.17
N GLY A 443 -7.47 -8.50 24.35
CA GLY A 443 -6.39 -9.46 24.58
C GLY A 443 -4.95 -9.08 24.28
N VAL A 444 -4.73 -8.19 23.32
CA VAL A 444 -3.39 -7.87 22.83
C VAL A 444 -2.99 -6.48 23.35
N PRO A 445 -1.89 -6.43 24.11
CA PRO A 445 -1.42 -5.16 24.68
C PRO A 445 -1.08 -4.11 23.64
N LEU A 446 -0.97 -2.88 24.11
CA LEU A 446 -0.68 -1.69 23.30
C LEU A 446 0.59 -1.85 22.48
N VAL A 447 1.66 -2.35 23.11
CA VAL A 447 2.93 -2.58 22.44
C VAL A 447 3.67 -3.73 23.11
N TYR A 448 4.28 -4.59 22.29
CA TYR A 448 5.28 -5.53 22.79
C TYR A 448 6.46 -5.65 21.82
N GLU A 449 7.55 -6.24 22.30
CA GLU A 449 8.78 -6.39 21.51
C GLU A 449 9.10 -7.87 21.34
N ALA A 450 9.51 -8.24 20.13
CA ALA A 450 9.92 -9.62 19.84
C ALA A 450 11.09 -10.05 20.74
N LEU A 451 11.21 -11.36 20.96
CA LEU A 451 12.28 -11.93 21.80
C LEU A 451 13.56 -12.21 21.02
N SER A 452 13.41 -12.38 19.71
CA SER A 452 14.51 -12.71 18.82
C SER A 452 14.07 -12.37 17.41
N TRP A 453 14.99 -12.46 16.45
CA TRP A 453 14.63 -12.33 15.05
C TRP A 453 13.60 -13.39 14.64
N GLN A 454 13.85 -14.64 15.02
CA GLN A 454 12.96 -15.76 14.64
C GLN A 454 11.59 -15.55 15.23
N HIS A 455 11.54 -15.15 16.50
CA HIS A 455 10.26 -14.83 17.13
C HIS A 455 9.59 -13.65 16.41
N GLY A 456 10.39 -12.66 16.02
CA GLY A 456 9.89 -11.50 15.30
C GLY A 456 9.22 -11.84 13.98
N VAL A 457 9.82 -12.74 13.21
CA VAL A 457 9.24 -13.25 11.95
C VAL A 457 7.89 -13.92 12.25
N PHE A 458 7.86 -14.77 13.29
CA PHE A 458 6.62 -15.39 13.75
C PHE A 458 5.57 -14.35 14.13
N VAL A 459 5.96 -13.27 14.81
CA VAL A 459 4.99 -12.21 15.18
C VAL A 459 4.35 -11.65 13.91
N GLY A 460 5.16 -11.40 12.88
CA GLY A 460 4.64 -10.93 11.60
C GLY A 460 3.72 -11.95 10.96
N ALA A 461 4.13 -13.22 11.06
CA ALA A 461 3.38 -14.34 10.49
C ALA A 461 2.01 -14.52 11.14
N ALA A 462 1.91 -14.14 12.43
CA ALA A 462 0.73 -14.39 13.23
C ALA A 462 -0.32 -13.27 13.21
N MET A 463 -0.01 -12.16 12.53
CA MET A 463 -0.88 -10.98 12.55
C MET A 463 -2.32 -11.29 12.17
N ARG A 464 -3.24 -10.81 13.00
CA ARG A 464 -4.67 -10.82 12.73
C ARG A 464 -5.23 -9.46 13.08
N SER A 465 -6.35 -9.11 12.49
CA SER A 465 -6.93 -7.78 12.65
C SER A 465 -8.43 -7.79 12.37
N GLU A 466 -9.16 -6.97 13.14
CA GLU A 466 -10.59 -6.77 12.98
C GLU A 466 -10.87 -5.97 11.70
N ALA A 467 -11.62 -6.58 10.77
CA ALA A 467 -12.03 -5.90 9.54
C ALA A 467 -13.22 -4.98 9.84
N LYS A 476 -17.02 -6.95 11.97
CA LYS A 476 -17.10 -7.70 13.23
C LYS A 476 -16.34 -9.03 13.15
N ILE A 477 -15.42 -9.09 12.19
CA ILE A 477 -14.69 -10.32 11.89
C ILE A 477 -13.20 -10.09 12.11
N ILE A 478 -12.55 -11.03 12.77
CA ILE A 478 -11.09 -10.99 12.86
C ILE A 478 -10.46 -11.96 11.86
N MET A 479 -9.60 -11.42 11.00
CA MET A 479 -8.99 -12.20 9.94
C MET A 479 -7.48 -12.07 9.99
N HIS A 480 -6.79 -13.09 9.48
CA HIS A 480 -5.34 -13.11 9.40
C HIS A 480 -4.84 -12.29 8.23
N ASP A 481 -3.79 -11.52 8.48
CA ASP A 481 -3.12 -10.79 7.42
C ASP A 481 -1.62 -10.74 7.70
N PRO A 482 -0.92 -11.86 7.48
CA PRO A 482 0.50 -11.97 7.84
C PRO A 482 1.38 -10.92 7.15
N PHE A 483 2.18 -10.20 7.94
CA PHE A 483 3.05 -9.11 7.46
C PHE A 483 2.30 -7.97 6.75
N ALA A 484 0.97 -7.94 6.90
CA ALA A 484 0.09 -7.11 6.09
C ALA A 484 0.24 -7.37 4.58
N MET A 485 0.73 -8.56 4.22
CA MET A 485 1.05 -8.89 2.83
C MET A 485 0.12 -9.93 2.21
N ARG A 486 -0.93 -10.32 2.94
CA ARG A 486 -1.76 -11.45 2.54
C ARG A 486 -2.32 -11.32 1.10
N PRO A 487 -2.79 -10.13 0.73
CA PRO A 487 -3.24 -9.91 -0.65
C PRO A 487 -2.09 -9.67 -1.64
N PHE A 488 -0.84 -9.68 -1.17
CA PHE A 488 0.26 -9.12 -1.98
C PHE A 488 1.47 -10.04 -2.22
N PHE A 489 1.48 -11.23 -1.62
CA PHE A 489 2.62 -12.14 -1.79
C PHE A 489 2.87 -12.45 -3.25
N GLY A 490 4.08 -12.17 -3.73
CA GLY A 490 4.40 -12.45 -5.12
C GLY A 490 4.70 -13.92 -5.39
N TYR A 491 4.74 -14.71 -4.34
CA TYR A 491 5.21 -16.09 -4.38
C TYR A 491 4.85 -16.78 -3.07
N ASN A 492 5.17 -18.07 -3.01
CA ASN A 492 4.86 -18.94 -1.88
C ASN A 492 5.19 -18.30 -0.51
N PHE A 493 4.16 -18.10 0.33
CA PHE A 493 4.34 -17.49 1.65
C PHE A 493 5.31 -18.28 2.54
N GLY A 494 5.32 -19.60 2.41
CA GLY A 494 6.28 -20.44 3.12
C GLY A 494 7.72 -20.07 2.79
N LYS A 495 7.99 -19.87 1.50
CA LYS A 495 9.29 -19.43 1.01
C LYS A 495 9.60 -17.98 1.44
N TYR A 496 8.56 -17.16 1.56
CA TYR A 496 8.69 -15.77 2.01
C TYR A 496 9.17 -15.73 3.47
N LEU A 497 8.60 -16.61 4.29
CA LEU A 497 9.00 -16.78 5.67
C LEU A 497 10.44 -17.29 5.80
N ALA A 498 10.80 -18.25 4.95
CA ALA A 498 12.18 -18.76 4.90
C ALA A 498 13.14 -17.63 4.52
N HIS A 499 12.68 -16.74 3.63
CA HIS A 499 13.50 -15.63 3.17
C HIS A 499 13.73 -14.63 4.31
N TRP A 500 12.68 -14.36 5.08
CA TRP A 500 12.79 -13.48 6.24
C TRP A 500 13.72 -14.09 7.28
N LEU A 501 13.58 -15.39 7.50
CA LEU A 501 14.41 -16.08 8.47
C LEU A 501 15.90 -16.06 8.11
N SER A 502 16.20 -16.18 6.80
CA SER A 502 17.57 -16.19 6.29
C SER A 502 18.32 -14.87 6.51
N MET A 503 17.60 -13.80 6.84
CA MET A 503 18.25 -12.52 7.09
C MET A 503 19.14 -12.59 8.33
N ALA A 504 18.79 -13.46 9.28
CA ALA A 504 19.61 -13.66 10.47
C ALA A 504 20.98 -14.31 10.18
N GLN A 505 21.13 -14.93 9.00
CA GLN A 505 22.44 -15.50 8.61
C GLN A 505 23.20 -14.64 7.58
N HIS A 506 22.68 -13.46 7.28
CA HIS A 506 23.41 -12.49 6.45
C HIS A 506 24.61 -11.95 7.24
N PRO A 507 25.82 -12.02 6.67
CA PRO A 507 27.03 -11.72 7.44
C PRO A 507 26.98 -10.32 8.05
N ALA A 508 27.28 -10.24 9.35
CA ALA A 508 27.27 -8.98 10.09
C ALA A 508 25.94 -8.19 10.00
N ALA A 509 24.83 -8.89 9.75
CA ALA A 509 23.53 -8.24 9.69
C ALA A 509 23.26 -7.39 10.92
N LYS A 510 22.77 -6.16 10.71
CA LYS A 510 22.30 -5.32 11.80
C LYS A 510 20.78 -5.33 11.74
N LEU A 511 20.20 -6.36 12.35
CA LEU A 511 18.77 -6.63 12.25
C LEU A 511 17.96 -5.62 13.03
N PRO A 512 16.92 -5.06 12.40
CA PRO A 512 15.98 -4.19 13.11
C PRO A 512 15.32 -4.90 14.29
N LYS A 513 15.09 -4.13 15.36
CA LYS A 513 14.25 -4.59 16.45
C LYS A 513 12.82 -4.71 15.93
N ILE A 514 12.12 -5.75 16.36
CA ILE A 514 10.75 -5.98 15.92
C ILE A 514 9.76 -5.76 17.06
N PHE A 515 8.73 -4.98 16.76
CA PHE A 515 7.66 -4.67 17.71
C PHE A 515 6.29 -5.00 17.16
N HIS A 516 5.31 -5.11 18.04
CA HIS A 516 3.92 -5.26 17.64
C HIS A 516 3.09 -4.26 18.41
N VAL A 517 2.21 -3.55 17.72
CA VAL A 517 1.36 -2.54 18.36
C VAL A 517 -0.12 -2.81 18.13
N ASN A 518 -0.94 -2.37 19.09
CA ASN A 518 -2.39 -2.38 18.95
C ASN A 518 -2.93 -1.08 19.53
N TRP A 519 -3.38 -0.17 18.66
CA TRP A 519 -3.94 1.10 19.11
C TRP A 519 -5.41 0.96 19.57
N PHE A 520 -5.98 -0.23 19.40
CA PHE A 520 -7.43 -0.37 19.40
C PHE A 520 -8.03 -1.25 20.49
N ARG A 521 -7.25 -1.57 21.52
CA ARG A 521 -7.76 -2.35 22.64
C ARG A 521 -8.89 -1.60 23.36
N LYS A 522 -9.93 -2.34 23.75
CA LYS A 522 -11.13 -1.73 24.36
C LYS A 522 -11.44 -2.27 25.77
N ASP A 523 -12.12 -1.45 26.58
CA ASP A 523 -12.68 -1.93 27.85
C ASP A 523 -13.97 -2.72 27.57
N LYS A 524 -14.63 -3.21 28.62
CA LYS A 524 -15.77 -4.11 28.39
C LYS A 524 -16.97 -3.41 27.75
N GLU A 525 -17.01 -2.08 27.86
CA GLU A 525 -18.05 -1.29 27.20
C GLU A 525 -17.67 -0.88 25.77
N GLY A 526 -16.54 -1.38 25.29
CA GLY A 526 -16.06 -1.05 23.95
C GLY A 526 -15.44 0.33 23.84
N LYS A 527 -15.08 0.96 24.96
CA LYS A 527 -14.32 2.21 24.90
C LYS A 527 -12.84 1.89 24.76
N PHE A 528 -12.16 2.68 23.93
CA PHE A 528 -10.72 2.53 23.71
C PHE A 528 -9.95 2.87 24.97
N LEU A 529 -8.99 2.02 25.31
CA LEU A 529 -8.17 2.19 26.50
C LEU A 529 -7.05 3.23 26.31
N TRP A 530 -6.69 3.48 25.06
CA TRP A 530 -5.53 4.32 24.74
C TRP A 530 -5.97 5.42 23.77
N PRO A 531 -5.68 6.69 24.11
CA PRO A 531 -6.09 7.81 23.26
C PRO A 531 -5.47 7.82 21.87
N GLY A 532 -4.28 7.25 21.71
CA GLY A 532 -3.70 7.05 20.39
C GLY A 532 -3.42 8.35 19.64
N PHE A 533 -3.50 8.27 18.32
CA PHE A 533 -3.20 9.40 17.43
C PHE A 533 -1.80 9.94 17.72
N GLY A 534 -1.67 11.25 17.96
CA GLY A 534 -0.39 11.87 18.32
C GLY A 534 0.24 11.36 19.60
N GLU A 535 -0.57 10.83 20.52
CA GLU A 535 -0.07 10.17 21.74
C GLU A 535 0.70 8.88 21.44
N ASN A 536 0.56 8.36 20.23
CA ASN A 536 1.36 7.19 19.86
C ASN A 536 2.86 7.51 19.77
N SER A 537 3.20 8.80 19.80
CA SER A 537 4.59 9.24 19.94
C SER A 537 5.23 8.64 21.20
N ARG A 538 4.40 8.36 22.20
CA ARG A 538 4.90 7.83 23.47
C ARG A 538 5.33 6.38 23.31
N VAL A 539 4.59 5.66 22.49
CA VAL A 539 4.94 4.29 22.17
C VAL A 539 6.21 4.27 21.31
N LEU A 540 6.30 5.17 20.33
CA LEU A 540 7.51 5.27 19.52
C LEU A 540 8.69 5.66 20.38
N GLU A 541 8.47 6.53 21.37
CA GLU A 541 9.55 6.85 22.32
C GLU A 541 10.12 5.60 23.00
N TRP A 542 9.23 4.73 23.51
CA TRP A 542 9.68 3.50 24.14
C TRP A 542 10.48 2.60 23.18
N MET A 543 9.98 2.44 21.95
CA MET A 543 10.71 1.65 20.94
C MET A 543 12.08 2.25 20.68
N PHE A 544 12.10 3.58 20.50
CA PHE A 544 13.31 4.34 20.23
C PHE A 544 14.38 4.01 21.26
N ASN A 545 14.02 4.11 22.54
CA ASN A 545 14.98 3.91 23.62
C ASN A 545 15.36 2.44 23.79
N ARG A 546 14.41 1.55 23.52
CA ARG A 546 14.70 0.12 23.45
C ARG A 546 15.73 -0.21 22.38
N ILE A 547 15.61 0.39 21.20
CA ILE A 547 16.63 0.21 20.16
C ILE A 547 18.03 0.61 20.70
N ASP A 548 18.05 1.61 21.57
CA ASP A 548 19.28 2.13 22.17
C ASP A 548 19.71 1.36 23.41
N GLY A 549 19.00 0.27 23.70
CA GLY A 549 19.37 -0.59 24.81
C GLY A 549 18.88 -0.19 26.18
N LYS A 550 17.96 0.77 26.27
CA LYS A 550 17.36 1.14 27.55
C LYS A 550 16.71 -0.07 28.26
N ALA A 551 17.08 -0.27 29.54
CA ALA A 551 16.55 -1.38 30.34
C ALA A 551 15.12 -1.12 30.81
N SER A 552 14.24 -0.85 29.85
CA SER A 552 12.85 -0.50 30.14
C SER A 552 11.91 -1.70 29.93
N THR A 553 12.50 -2.89 29.97
CA THR A 553 11.84 -4.16 29.60
C THR A 553 11.23 -4.96 30.78
N LYS A 554 10.04 -5.52 30.57
CA LYS A 554 9.50 -6.58 31.43
C LYS A 554 9.07 -7.78 30.58
N LEU A 555 9.58 -8.96 30.95
CA LEU A 555 9.34 -10.17 30.17
C LEU A 555 7.94 -10.75 30.40
N THR A 556 7.28 -11.11 29.30
CA THR A 556 6.03 -11.86 29.32
C THR A 556 6.14 -13.03 28.33
N PRO A 557 5.19 -13.96 28.35
CA PRO A 557 5.16 -15.06 27.36
C PRO A 557 5.11 -14.63 25.89
N ILE A 558 4.57 -13.44 25.57
CA ILE A 558 4.41 -12.99 24.19
C ILE A 558 5.55 -12.10 23.68
N GLY A 559 6.43 -11.68 24.59
CA GLY A 559 7.49 -10.73 24.29
C GLY A 559 7.76 -9.78 25.46
N TYR A 560 8.53 -8.72 25.20
CA TYR A 560 8.77 -7.69 26.24
C TYR A 560 7.69 -6.61 26.14
N ILE A 561 7.18 -6.19 27.30
CA ILE A 561 6.34 -5.00 27.38
C ILE A 561 7.12 -3.94 28.15
N PRO A 562 6.68 -2.69 28.18
CA PRO A 562 7.36 -1.68 29.01
C PRO A 562 7.23 -2.04 30.48
N LYS A 563 8.33 -1.91 31.23
CA LYS A 563 8.33 -2.00 32.71
C LYS A 563 7.28 -1.06 33.30
N GLU A 564 6.88 -1.32 34.55
CA GLU A 564 6.06 -0.37 35.30
C GLU A 564 6.69 1.03 35.26
N ASP A 565 5.87 2.03 34.93
CA ASP A 565 6.28 3.43 34.87
C ASP A 565 7.25 3.80 33.74
N ALA A 566 7.62 2.85 32.88
CA ALA A 566 8.54 3.15 31.78
C ALA A 566 7.88 3.93 30.62
N LEU A 567 6.62 3.64 30.33
CA LEU A 567 5.90 4.41 29.31
C LEU A 567 5.59 5.82 29.79
N ASN A 568 5.86 6.81 28.93
CA ASN A 568 5.72 8.22 29.27
C ASN A 568 4.25 8.65 29.18
N LEU A 569 3.64 8.89 30.34
CA LEU A 569 2.23 9.24 30.46
C LEU A 569 1.97 10.71 30.82
N LYS A 570 3.04 11.49 30.97
CA LYS A 570 2.94 12.92 31.31
C LYS A 570 2.07 13.71 30.32
N GLY A 571 1.02 14.33 30.81
CA GLY A 571 0.13 15.14 29.99
C GLY A 571 -1.14 14.44 29.57
N LEU A 572 -1.24 13.15 29.88
CA LEU A 572 -2.42 12.36 29.55
C LEU A 572 -3.39 12.38 30.73
N GLY A 573 -4.66 12.11 30.43
CA GLY A 573 -5.63 11.81 31.46
C GLY A 573 -5.30 10.44 31.99
N HIS A 574 -6.14 9.93 32.89
CA HIS A 574 -5.87 8.62 33.46
C HIS A 574 -5.94 7.50 32.40
N ILE A 575 -4.93 6.64 32.42
CA ILE A 575 -4.87 5.46 31.56
C ILE A 575 -4.93 4.23 32.44
N ASN A 576 -5.89 3.35 32.16
CA ASN A 576 -5.93 2.03 32.79
C ASN A 576 -4.83 1.13 32.21
N MET A 577 -3.60 1.36 32.67
CA MET A 577 -2.43 0.63 32.21
C MET A 577 -2.50 -0.88 32.47
N MET A 578 -3.11 -1.27 33.60
CA MET A 578 -3.25 -2.69 33.96
C MET A 578 -4.05 -3.49 32.93
N GLU A 579 -5.23 -3.00 32.53
CA GLU A 579 -6.02 -3.67 31.51
C GLU A 579 -5.35 -3.55 30.14
N LEU A 580 -4.84 -2.35 29.83
CA LEU A 580 -4.19 -2.10 28.56
C LEU A 580 -3.08 -3.11 28.27
N PHE A 581 -2.31 -3.45 29.30
CA PHE A 581 -1.15 -4.33 29.15
C PHE A 581 -1.34 -5.74 29.69
N SER A 582 -2.57 -6.08 30.07
CA SER A 582 -2.84 -7.39 30.65
C SER A 582 -2.76 -8.52 29.61
N ILE A 583 -2.17 -9.64 30.03
CA ILE A 583 -1.98 -10.80 29.18
C ILE A 583 -2.63 -11.99 29.89
N SER A 584 -3.77 -12.40 29.36
CA SER A 584 -4.57 -13.45 29.96
C SER A 584 -4.23 -14.82 29.36
N LYS A 585 -4.03 -15.80 30.24
CA LYS A 585 -3.71 -17.16 29.81
C LYS A 585 -4.82 -17.69 28.92
N GLU A 586 -6.05 -17.48 29.34
CA GLU A 586 -7.24 -17.86 28.57
C GLU A 586 -7.24 -17.29 27.14
N PHE A 587 -7.06 -15.96 27.01
CA PHE A 587 -7.02 -15.34 25.69
C PHE A 587 -5.92 -15.93 24.83
N TRP A 588 -4.74 -16.09 25.41
CA TRP A 588 -3.56 -16.45 24.65
C TRP A 588 -3.47 -17.95 24.32
N ASP A 589 -4.08 -18.78 25.16
CA ASP A 589 -4.32 -20.19 24.85
C ASP A 589 -5.05 -20.28 23.51
N LYS A 590 -6.17 -19.55 23.42
CA LYS A 590 -6.99 -19.48 22.19
C LYS A 590 -6.22 -18.84 21.03
N GLU A 591 -5.47 -17.77 21.33
CA GLU A 591 -4.71 -17.08 20.29
C GLU A 591 -3.73 -18.01 19.59
N VAL A 592 -2.90 -18.68 20.39
CA VAL A 592 -1.85 -19.52 19.83
C VAL A 592 -2.43 -20.74 19.09
N GLU A 593 -3.56 -21.25 19.58
CA GLU A 593 -4.28 -22.35 18.92
C GLU A 593 -4.81 -21.89 17.56
N ASP A 594 -5.35 -20.67 17.51
CA ASP A 594 -5.76 -20.09 16.24
C ASP A 594 -4.55 -19.85 15.31
N ILE A 595 -3.44 -19.32 15.85
CA ILE A 595 -2.26 -19.07 15.01
C ILE A 595 -1.67 -20.38 14.44
N GLU A 596 -1.45 -21.35 15.32
CA GLU A 596 -0.98 -22.67 14.90
C GLU A 596 -1.86 -23.27 13.80
N LYS A 597 -3.17 -23.30 14.03
CA LYS A 597 -4.11 -23.88 13.06
C LYS A 597 -3.98 -23.21 11.69
N TYR A 598 -3.97 -21.88 11.67
CA TYR A 598 -3.89 -21.10 10.43
C TYR A 598 -2.59 -21.36 9.66
N LEU A 599 -1.46 -21.30 10.36
CA LEU A 599 -0.15 -21.47 9.72
C LEU A 599 0.10 -22.90 9.27
N VAL A 600 -0.24 -23.88 10.12
CA VAL A 600 -0.06 -25.28 9.74
C VAL A 600 -1.00 -25.64 8.57
N ASP A 601 -2.26 -25.18 8.64
CA ASP A 601 -3.23 -25.38 7.55
C ASP A 601 -2.79 -24.71 6.24
N GLN A 602 -2.51 -23.40 6.31
CA GLN A 602 -2.34 -22.60 5.09
C GLN A 602 -0.97 -22.74 4.46
N VAL A 603 0.06 -22.90 5.29
CA VAL A 603 1.43 -22.95 4.79
C VAL A 603 1.88 -24.41 4.59
N ASN A 604 1.34 -25.32 5.41
CA ASN A 604 1.44 -26.77 5.21
C ASN A 604 2.89 -27.25 5.05
N ALA A 605 3.20 -27.86 3.91
CA ALA A 605 4.53 -28.43 3.65
C ALA A 605 5.60 -27.36 3.52
N ASP A 606 5.19 -26.09 3.38
CA ASP A 606 6.16 -25.00 3.17
C ASP A 606 6.47 -24.18 4.43
N LEU A 607 5.90 -24.56 5.56
CA LEU A 607 6.15 -23.87 6.83
C LEU A 607 7.56 -24.18 7.34
N PRO A 608 8.42 -23.17 7.43
CA PRO A 608 9.79 -23.36 7.93
C PRO A 608 9.81 -23.92 9.36
N CYS A 609 10.79 -24.77 9.65
CA CYS A 609 10.89 -25.38 10.98
C CYS A 609 11.11 -24.34 12.09
N GLU A 610 11.76 -23.22 11.76
CA GLU A 610 11.94 -22.14 12.73
C GLU A 610 10.60 -21.54 13.18
N ILE A 611 9.60 -21.50 12.29
CA ILE A 611 8.28 -21.01 12.67
C ILE A 611 7.55 -22.06 13.51
N GLU A 612 7.68 -23.34 13.13
CA GLU A 612 7.13 -24.45 13.92
C GLU A 612 7.65 -24.37 15.35
N ARG A 613 8.95 -24.08 15.49
CA ARG A 613 9.58 -23.97 16.80
C ARG A 613 9.05 -22.78 17.60
N GLU A 614 8.80 -21.64 16.92
CA GLU A 614 8.25 -20.46 17.60
C GLU A 614 6.79 -20.66 18.05
N ILE A 615 5.98 -21.33 17.23
CA ILE A 615 4.62 -21.72 17.61
C ILE A 615 4.64 -22.53 18.92
N LEU A 616 5.50 -23.55 18.96
CA LEU A 616 5.58 -24.43 20.14
C LEU A 616 6.13 -23.73 21.38
N ALA A 617 7.21 -22.96 21.21
CA ALA A 617 7.77 -22.13 22.28
C ALA A 617 6.74 -21.20 22.92
N LEU A 618 5.90 -20.57 22.11
CA LEU A 618 4.87 -19.68 22.64
C LEU A 618 3.87 -20.48 23.49
N LYS A 619 3.45 -21.63 22.97
CA LYS A 619 2.54 -22.54 23.66
C LYS A 619 3.11 -22.97 25.02
N GLN A 620 4.41 -23.29 25.03
CA GLN A 620 5.09 -23.71 26.24
C GLN A 620 5.17 -22.55 27.26
N ARG A 621 5.55 -21.37 26.79
CA ARG A 621 5.58 -20.17 27.64
C ARG A 621 4.21 -19.85 28.25
N ILE A 622 3.15 -19.98 27.46
CA ILE A 622 1.80 -19.73 27.94
C ILE A 622 1.36 -20.78 28.98
N SER A 623 1.71 -22.04 28.73
CA SER A 623 1.31 -23.15 29.59
C SER A 623 1.86 -23.00 31.01
N GLN A 624 2.95 -22.24 31.14
CA GLN A 624 3.62 -22.07 32.43
C GLN A 624 3.08 -20.87 33.24
N MET A 625 2.18 -20.10 32.66
CA MET A 625 1.60 -18.95 33.36
C MET A 625 0.28 -19.34 34.03
#